data_8PIP
#
_entry.id   8PIP
#
_cell.length_a   37.464
_cell.length_b   86.151
_cell.length_c   87.852
_cell.angle_alpha   90.000
_cell.angle_beta   90.000
_cell.angle_gamma   90.000
#
_symmetry.space_group_name_H-M   'I 2 2 2'
#
loop_
_entity.id
_entity.type
_entity.pdbx_description
1 polymer 'DNA (31-MER)'
2 non-polymer 'Delta-Ru(phen)2(dppz) complex'
3 non-polymer 'Lambda-Ru(phen)2(dppz) complex'
4 non-polymer 'CHLORIDE ION'
5 water water
#
_entity_poly.entity_id   1
_entity_poly.type   'polydeoxyribonucleotide'
_entity_poly.pdbx_seq_one_letter_code
;(DA)(DG)(DA)(DT)(DA)(DG)(DA)(DA)(DC)(DC)(DC)(DC)(DT)(DT)(DC)(DT)(DA)(DT)(DC)(DT)
(DT)(DA)(DT)(DA)(DT)(DC)(DT)(DT)(DC)(DT)(DT)
;
_entity_poly.pdbx_strand_id   A
#
loop_
_chem_comp.id
_chem_comp.type
_chem_comp.name
_chem_comp.formula
0TN non-polymer 'Delta-Ru(phen)2(dppz) complex' 'C42 H26 N8 Ru'
CL non-polymer 'CHLORIDE ION' 'Cl -1'
DA DNA linking 2'-DEOXYADENOSINE-5'-MONOPHOSPHATE 'C10 H14 N5 O6 P'
DC DNA linking 2'-DEOXYCYTIDINE-5'-MONOPHOSPHATE 'C9 H14 N3 O7 P'
DG DNA linking 2'-DEOXYGUANOSINE-5'-MONOPHOSPHATE 'C10 H14 N5 O7 P'
DT DNA linking THYMIDINE-5'-MONOPHOSPHATE 'C10 H15 N2 O8 P'
RKP non-polymer 'Lambda-Ru(phen)2(dppz) complex' 'C42 H26 N8 Ru'
#
# COMPACT_ATOMS: atom_id res chain seq x y z
RU 0TN B . -4.69 -1.77 -2.30
C1 0TN B . -5.31 -0.73 -4.86
N1 0TN B . -5.21 0.17 -2.70
C2 0TN B . -4.86 -3.01 -5.07
N2 0TN B . -5.00 -1.91 -4.32
C3 0TN B . -5.07 -2.93 -6.44
N3 0TN B . -6.10 0.79 -8.06
C4 0TN B . -5.42 -1.72 -7.02
N4 0TN B . -6.33 2.95 -6.40
C5 0TN B . -5.54 -0.59 -6.22
N5 0TN B . -6.57 -2.30 -1.69
C6 0TN B . -5.88 0.66 -6.74
C7 0TN B . -5.99 1.76 -5.88
C8 0TN B . -5.77 1.61 -4.51
N8 0TN B . -4.50 -1.47 -0.28
C9 0TN B . -5.87 2.67 -3.62
N9 0TN B . -3.96 -3.69 -2.17
C10 0TN B . -5.42 0.36 -4.01
C11 0TN B . -5.62 2.44 -2.25
C12 0TN B . -5.28 1.16 -1.81
N12 0TN B . -2.73 -1.45 -2.85
C13 0TN B . -6.55 3.10 -7.72
C14 0TN B . -6.89 4.34 -8.24
C15 0TN B . -6.43 2.00 -8.57
C16 0TN B . -6.67 2.13 -9.93
C17 0TN B . -7.00 3.37 -10.45
C18 0TN B . -7.13 4.47 -9.61
C19 0TN B . -6.72 -2.20 -0.36
C20 0TN B . -7.56 -2.73 -2.48
C21 0TN B . -8.79 -3.06 -1.91
C22 0TN B . -7.91 -2.52 0.26
C23 0TN B . -8.01 -2.39 1.65
C24 0TN B . -6.93 -1.94 2.39
C25 0TN B . -5.72 -1.62 1.74
C26 0TN B . -5.63 -1.76 0.38
C27 0TN B . -3.44 -0.87 1.74
C28 0TN B . -3.41 -1.03 0.35
C29 0TN B . -2.68 -3.77 -2.52
C30 0TN B . -4.67 -4.77 -1.81
C31 0TN B . -4.03 -6.01 -1.79
C32 0TN B . -2.00 -4.97 -2.52
C33 0TN B . -0.65 -4.99 -2.89
C34 0TN B . 0.00 -3.81 -3.26
C35 0TN B . -0.69 -2.60 -3.25
C36 0TN B . -2.03 -2.58 -2.88
C37 0TN B . -0.85 -0.24 -3.58
C38 0TN B . -2.19 -0.28 -3.20
C41 0TN B . -8.97 -2.96 -0.53
C42 0TN B . -4.61 -1.17 2.44
C43 0TN B . -2.69 -6.11 -2.15
C44 0TN B . -0.09 -1.41 -3.60
H1 0TN B . -4.57 -3.95 -4.60
H2 0TN B . -4.97 -3.82 -7.05
H3 0TN B . -5.59 -1.65 -8.09
H4 0TN B . -6.13 3.66 -3.96
H5 0TN B . -5.70 3.25 -1.55
H6 0TN B . -5.08 0.98 -0.76
H7 0TN B . -6.98 5.20 -7.59
H8 0TN B . -6.57 1.27 -10.58
H9 0TN B . -7.19 3.49 -11.52
H10 0TN B . -7.39 5.44 -10.02
H11 0TN B . -7.41 -2.82 -3.55
H12 0TN B . -9.60 -3.41 -2.53
H13 0TN B . -8.94 -2.64 2.14
H14 0TN B . -7.00 -1.83 3.46
H15 0TN B . -2.56 -0.52 2.26
H16 0TN B . -2.51 -0.79 -0.21
H17 0TN B . -5.71 -4.68 -1.54
H18 0TN B . -4.58 -6.89 -1.50
H19 0TN B . -0.12 -5.93 -2.88
H20 0TN B . 1.04 -3.84 -3.55
H21 0TN B . -0.40 0.71 -3.84
H22 0TN B . -2.79 0.62 -3.19
H23 0TN B . -9.92 -3.22 -0.08
H24 0TN B . -4.64 -1.06 3.52
H25 0TN B . -2.19 -7.06 -2.13
H26 0TN B . 0.96 -1.38 -3.90
RU 0TN C . -13.17 -0.59 -2.48
C1 0TN C . -12.36 -1.78 -4.93
N1 0TN C . -12.67 -2.57 -2.75
C2 0TN C . -12.76 0.49 -5.28
N2 0TN C . -12.71 -0.57 -4.48
C3 0TN C . -12.42 0.34 -6.63
N3 0TN C . -11.31 -3.50 -7.96
C4 0TN C . -12.05 -0.91 -7.12
N4 0TN C . -11.29 -5.57 -6.17
C5 0TN C . -12.01 -1.99 -6.26
N5 0TN C . -11.29 -0.12 -1.81
C6 0TN C . -11.66 -3.28 -6.67
C7 0TN C . -11.64 -4.33 -5.76
C8 0TN C . -11.98 -4.11 -4.42
N8 0TN C . -13.47 -0.73 -0.46
C9 0TN C . -11.99 -5.13 -3.47
N9 0TN C . -13.84 1.34 -2.40
C10 0TN C . -12.34 -2.84 -4.02
C11 0TN C . -12.34 -4.82 -2.16
C12 0TN C . -12.70 -3.52 -1.81
N12 0TN C . -15.13 -0.88 -3.02
C13 0TN C . -10.95 -5.79 -7.45
C14 0TN C . -10.59 -7.07 -7.87
C15 0TN C . -10.96 -4.74 -8.37
C16 0TN C . -10.62 -4.96 -9.69
C17 0TN C . -10.25 -6.24 -10.10
C18 0TN C . -10.24 -7.29 -9.19
C19 0TN C . -11.21 -0.13 -0.48
C20 0TN C . -10.24 0.18 -2.58
C21 0TN C . -9.02 0.49 -1.97
C22 0TN C . -10.03 0.17 0.18
C23 0TN C . -10.01 0.14 1.57
C24 0TN C . -11.16 -0.18 2.29
C25 0TN C . -12.34 -0.48 1.62
C26 0TN C . -12.36 -0.46 0.24
C27 0TN C . -14.66 -1.09 1.54
C28 0TN C . -14.62 -1.04 0.15
C29 0TN C . -15.14 1.43 -2.72
C30 0TN C . -13.12 2.41 -2.07
C31 0TN C . -13.74 3.67 -2.06
C32 0TN C . -15.80 2.65 -2.73
C33 0TN C . -17.15 2.70 -3.08
C34 0TN C . -17.83 1.52 -3.40
C35 0TN C . -17.15 0.29 -3.39
C36 0TN C . -15.81 0.27 -3.05
C37 0TN C . -17.05 -2.08 -3.67
C38 0TN C . -15.70 -2.05 -3.32
C41 0TN C . -8.91 0.49 -0.58
C42 0TN C . -13.51 -0.81 2.29
C43 0TN C . -15.08 3.79 -2.39
C44 0TN C . -17.78 -0.90 -3.71
H1 0TN C . -13.05 1.45 -4.90
H2 0TN C . -12.45 1.20 -7.30
H3 0TN C . -11.79 -1.04 -8.17
H4 0TN C . -11.71 -6.14 -3.74
H5 0TN C . -12.34 -5.60 -1.41
H6 0TN C . -12.98 -3.27 -0.80
H7 0TN C . -10.57 -7.88 -7.15
H8 0TN C . -10.63 -4.15 -10.40
H9 0TN C . -9.98 -6.42 -11.14
H10 0TN C . -9.95 -8.29 -9.51
H11 0TN C . -10.33 0.19 -3.67
H12 0TN C . -8.16 0.73 -2.58
H13 0TN C . -9.09 0.38 2.10
H14 0TN C . -11.13 -0.21 3.38
H15 0TN C . -15.58 -1.35 2.05
H16 0TN C . -15.50 -1.26 -0.43
H17 0TN C . -12.08 2.31 -1.80
H18 0TN C . -13.16 4.55 -1.79
H19 0TN C . -17.67 3.64 -3.08
H20 0TN C . -18.88 1.56 -3.67
H21 0TN C . -17.52 -3.03 -3.93
H22 0TN C . -15.11 -2.96 -3.30
H23 0TN C . -7.97 0.72 -0.11
H24 0TN C . -13.54 -0.85 3.37
H25 0TN C . -15.56 4.76 -2.39
H26 0TN C . -18.83 -0.91 -3.98
RU RKP D . 17.41 2.97 7.59
C1 RKP D . 17.13 1.77 5.04
N1 RKP D . 18.35 1.26 6.96
C2 RKP D . 15.79 3.69 5.12
N2 RKP D . 16.66 2.84 5.68
C3 RKP D . 15.37 3.46 3.82
N3 RKP D . 16.91 0.09 1.83
C4 RKP D . 15.85 2.35 3.11
N4 RKP D . 18.66 -1.55 3.13
C5 RKP D . 16.74 1.50 3.73
N5 RKP D . 18.91 4.23 7.00
C6 RKP D . 17.27 0.37 3.10
C7 RKP D . 18.16 -0.46 3.76
C8 RKP D . 18.55 -0.18 5.08
N8 RKP D . 16.53 4.78 7.97
C9 RKP D . 19.44 -0.98 5.78
N9 RKP D . 15.92 1.86 8.47
C10 RKP D . 18.03 0.94 5.71
C11 RKP D . 19.77 -0.62 7.09
C12 RKP D . 19.20 0.52 7.67
N12 RKP D . 18.10 2.89 9.53
C13 RKP D . 18.29 -1.82 1.86
C14 RKP D . 18.81 -2.94 1.23
C15 RKP D . 17.40 -0.99 1.20
C16 RKP D . 17.02 -1.27 -0.10
C17 RKP D . 17.54 -2.39 -0.74
C18 RKP D . 18.43 -3.23 -0.08
C19 RKP D . 18.60 5.51 7.17
C20 RKP D . 20.11 3.86 6.54
C21 RKP D . 21.05 4.84 6.19
C22 RKP D . 19.48 6.53 6.85
C23 RKP D . 19.09 7.86 7.04
C24 RKP D . 17.82 8.15 7.53
C25 RKP D . 16.94 7.12 7.86
C26 RKP D . 17.33 5.81 7.68
C27 RKP D . 14.84 6.28 8.66
C28 RKP D . 15.29 4.98 8.46
C29 RKP D . 16.14 1.66 9.77
C30 RKP D . 14.84 1.39 7.86
C31 RKP D . 13.91 0.64 8.59
C32 RKP D . 15.27 0.93 10.55
C33 RKP D . 15.54 0.74 11.90
C34 RKP D . 16.70 1.28 12.46
C35 RKP D . 17.58 2.02 11.67
C36 RKP D . 17.30 2.19 10.32
C37 RKP D . 19.58 3.28 11.32
C38 RKP D . 19.24 3.44 9.98
C41 RKP D . 20.73 6.19 6.35
C42 RKP D . 15.66 7.36 8.37
C43 RKP D . 14.12 0.41 9.95
C44 RKP D . 18.75 2.57 12.17
H2 RKP D . 15.43 4.54 5.68
H3 RKP D . 14.67 4.14 3.35
H4 RKP D . 15.53 2.17 2.10
H9 RKP D . 19.87 -1.85 5.33
H11 RKP D . 20.46 -1.23 7.66
H12 RKP D . 19.46 0.80 8.68
H14 RKP D . 19.51 -3.59 1.74
H16 RKP D . 16.33 -0.63 -0.62
H17 RKP D . 17.25 -2.62 -1.76
H18 RKP D . 18.83 -4.11 -0.58
H20 RKP D . 20.36 2.81 6.43
H21 RKP D . 22.01 4.56 5.80
H23 RKP D . 19.77 8.66 6.78
H24 RKP D . 17.52 9.18 7.68
H27 RKP D . 13.84 6.45 9.06
H28 RKP D . 14.66 4.13 8.69
H30 RKP D . 14.68 1.56 6.80
H31 RKP D . 13.03 0.24 8.10
H33 RKP D . 14.85 0.17 12.52
H34 RKP D . 16.91 1.13 13.51
H37 RKP D . 20.49 3.73 11.70
H38 RKP D . 19.88 4.00 9.31
H41 RKP D . 21.45 6.96 6.08
H42 RKP D . 15.32 8.37 8.53
H43 RKP D . 13.41 -0.17 10.53
H44 RKP D . 19.00 2.45 13.22
CL CL E . 27.89 8.13 -0.33
CL CL F . -6.25 2.21 1.36
#